data_9CPL
#
_entry.id   9CPL
#
_cell.length_a   105.725
_cell.length_b   105.725
_cell.length_c   50.917
_cell.angle_alpha   90.000
_cell.angle_beta   90.000
_cell.angle_gamma   120.000
#
_symmetry.space_group_name_H-M   'P 65'
#
loop_
_entity.id
_entity.type
_entity.pdbx_description
1 polymer '2TEL/Non-receptor tyrosine-protein kinase TNK1 fusion protein'
2 non-polymer 'FORMIC ACID'
3 water water
#
_entity_poly.entity_id   1
_entity_poly.type   'polypeptide(L)'
_entity_poly.pdbx_seq_one_letter_code
;MGHHHHHHHHHHSIRLPAHLRLQPIYWSRDDVAQWLKWAENEFSLSPIDSNTFEMNGKALLLLTKEDFRYRSPHSGDELY
ELLQHILKQRPGGGGSTSIRLPAHLRLQPIYWSRDDVAQWLKWAENEFSLSPIDSNTFEMNGKALLLLTKEDFRYRSPHS
GDVLYELLQHILGGELQRKIMEVELSVHGVTHQEAQTALGATGGDVVSAIRNLKVDQLFHLSSRSRADAWRILEHYQWDL
SAASRYVLARP
;
_entity_poly.pdbx_strand_id   A
#
loop_
_chem_comp.id
_chem_comp.type
_chem_comp.name
_chem_comp.formula
FMT non-polymer 'FORMIC ACID' 'C H2 O2'
#
# COMPACT_ATOMS: atom_id res chain seq x y z
N ILE A 14 -22.22 -1.00 19.76
CA ILE A 14 -21.26 0.05 19.46
C ILE A 14 -21.96 1.28 18.90
N ARG A 15 -22.45 2.15 19.78
CA ARG A 15 -23.18 3.35 19.40
C ARG A 15 -22.23 4.55 19.51
N LEU A 16 -21.71 5.00 18.32
CA LEU A 16 -20.81 6.12 18.20
C LEU A 16 -21.60 7.42 18.01
N PRO A 17 -21.04 8.56 18.43
CA PRO A 17 -21.77 9.83 18.31
C PRO A 17 -21.90 10.26 16.86
N ALA A 18 -22.74 11.30 16.66
CA ALA A 18 -23.07 11.73 15.30
C ALA A 18 -21.86 12.29 14.56
N HIS A 19 -20.87 12.82 15.28
CA HIS A 19 -19.69 13.37 14.64
C HIS A 19 -18.61 12.33 14.36
N LEU A 20 -18.71 11.14 14.98
CA LEU A 20 -17.75 10.07 14.75
C LEU A 20 -18.33 8.94 13.91
N ARG A 21 -19.40 9.21 13.16
CA ARG A 21 -20.06 8.18 12.37
C ARG A 21 -19.60 8.11 10.93
N LEU A 22 -18.67 8.98 10.51
CA LEU A 22 -17.98 8.76 9.26
C LEU A 22 -17.01 7.59 9.40
N GLN A 23 -16.66 6.98 8.27
CA GLN A 23 -15.70 5.90 8.29
CA GLN A 23 -15.70 5.90 8.29
C GLN A 23 -14.38 6.38 8.90
N PRO A 24 -13.69 5.56 9.68
CA PRO A 24 -12.46 6.02 10.33
C PRO A 24 -11.41 6.56 9.37
N ILE A 25 -11.40 6.11 8.12
CA ILE A 25 -10.42 6.59 7.16
C ILE A 25 -10.59 8.09 6.91
N TYR A 26 -11.80 8.62 7.07
CA TYR A 26 -12.07 10.03 6.85
C TYR A 26 -12.03 10.85 8.14
N TRP A 27 -11.57 10.27 9.23
CA TRP A 27 -11.43 11.02 10.47
C TRP A 27 -10.26 12.00 10.39
N SER A 28 -10.49 13.21 10.87
CA SER A 28 -9.42 14.19 11.03
C SER A 28 -8.62 13.89 12.29
N ARG A 29 -7.53 14.64 12.47
CA ARG A 29 -6.77 14.56 13.72
C ARG A 29 -7.69 14.82 14.91
N ASP A 30 -8.54 15.85 14.79
CA ASP A 30 -9.48 16.18 15.87
C ASP A 30 -10.50 15.06 16.09
N ASP A 31 -10.99 14.46 15.01
CA ASP A 31 -11.91 13.33 15.15
C ASP A 31 -11.27 12.20 15.96
N VAL A 32 -9.99 11.91 15.71
CA VAL A 32 -9.29 10.86 16.45
C VAL A 32 -9.30 11.17 17.95
N ALA A 33 -9.07 12.43 18.31
CA ALA A 33 -9.05 12.79 19.72
C ALA A 33 -10.44 12.67 20.33
N GLN A 34 -11.48 13.05 19.60
CA GLN A 34 -12.84 12.88 20.09
C GLN A 34 -13.16 11.40 20.28
N TRP A 35 -12.61 10.54 19.41
CA TRP A 35 -12.85 9.10 19.54
C TRP A 35 -12.15 8.53 20.76
N LEU A 36 -11.01 9.09 21.13
CA LEU A 36 -10.30 8.62 22.32
C LEU A 36 -11.06 9.00 23.59
N LYS A 37 -11.50 10.26 23.67
CA LYS A 37 -12.27 10.68 24.84
C LYS A 37 -13.59 9.95 24.94
N TRP A 38 -14.20 9.62 23.80
CA TRP A 38 -15.44 8.85 23.82
C TRP A 38 -15.20 7.44 24.34
N ALA A 39 -14.07 6.84 23.98
CA ALA A 39 -13.81 5.44 24.33
C ALA A 39 -13.48 5.29 25.80
N GLU A 40 -12.71 6.23 26.36
CA GLU A 40 -12.29 6.09 27.76
C GLU A 40 -13.47 6.17 28.71
N ASN A 41 -14.51 6.93 28.36
CA ASN A 41 -15.68 7.03 29.23
C ASN A 41 -16.66 5.88 28.98
N GLU A 42 -16.68 5.34 27.77
CA GLU A 42 -17.60 4.25 27.47
C GLU A 42 -17.16 2.94 28.11
N PHE A 43 -15.85 2.70 28.17
CA PHE A 43 -15.32 1.45 28.68
C PHE A 43 -14.52 1.63 29.96
N SER A 44 -14.66 2.78 30.63
CA SER A 44 -14.01 3.05 31.90
C SER A 44 -12.50 2.78 31.81
N LEU A 45 -11.90 3.30 30.74
CA LEU A 45 -10.48 3.10 30.53
C LEU A 45 -9.67 4.13 31.31
N SER A 46 -8.41 3.77 31.57
CA SER A 46 -7.51 4.74 32.18
C SER A 46 -7.34 5.92 31.25
N PRO A 47 -7.32 7.15 31.77
CA PRO A 47 -7.21 8.32 30.88
C PRO A 47 -5.91 8.30 30.09
N ILE A 48 -6.02 8.68 28.83
CA ILE A 48 -4.88 8.76 27.93
C ILE A 48 -4.70 10.21 27.47
N ASP A 49 -3.48 10.57 27.10
CA ASP A 49 -3.23 11.91 26.62
C ASP A 49 -3.72 12.05 25.20
N SER A 50 -4.28 13.19 24.86
CA SER A 50 -4.83 13.42 23.53
C SER A 50 -3.75 13.35 22.46
N ASN A 51 -2.52 13.76 22.79
CA ASN A 51 -1.43 13.76 21.83
C ASN A 51 -0.82 12.38 21.61
N THR A 52 -1.34 11.33 22.27
CA THR A 52 -0.82 9.99 22.06
C THR A 52 -1.06 9.48 20.65
N PHE A 53 -2.04 10.02 19.94
CA PHE A 53 -2.31 9.65 18.55
C PHE A 53 -2.44 10.92 17.71
N GLU A 54 -1.36 11.71 17.67
CA GLU A 54 -1.35 12.97 16.92
C GLU A 54 -1.30 12.65 15.44
N MET A 55 -2.46 12.27 14.90
CA MET A 55 -2.57 11.81 13.51
C MET A 55 -4.05 11.78 13.14
N ASN A 56 -4.32 11.67 11.85
CA ASN A 56 -5.70 11.57 11.37
C ASN A 56 -6.11 10.10 11.26
N GLY A 57 -7.31 9.86 10.73
CA GLY A 57 -7.80 8.50 10.62
C GLY A 57 -7.02 7.66 9.64
N LYS A 58 -6.54 8.28 8.55
CA LYS A 58 -5.74 7.55 7.57
C LYS A 58 -4.49 6.94 8.21
N ALA A 59 -3.82 7.69 9.08
CA ALA A 59 -2.62 7.17 9.73
C ALA A 59 -2.99 6.16 10.81
N LEU A 60 -4.11 6.39 11.50
CA LEU A 60 -4.55 5.47 12.55
C LEU A 60 -4.72 4.06 12.01
N LEU A 61 -5.28 3.93 10.81
CA LEU A 61 -5.50 2.62 10.21
C LEU A 61 -4.22 1.93 9.77
N LEU A 62 -3.10 2.64 9.72
CA LEU A 62 -1.82 2.02 9.39
C LEU A 62 -1.13 1.41 10.60
N LEU A 63 -1.48 1.83 11.80
CA LEU A 63 -0.84 1.29 13.00
C LEU A 63 -1.17 -0.18 13.18
N THR A 64 -0.18 -0.93 13.65
CA THR A 64 -0.39 -2.30 14.09
C THR A 64 -0.92 -2.31 15.52
N LYS A 65 -1.36 -3.49 15.97
CA LYS A 65 -1.83 -3.63 17.34
C LYS A 65 -0.68 -3.47 18.34
N GLU A 66 0.53 -3.85 17.95
CA GLU A 66 1.68 -3.59 18.79
C GLU A 66 1.95 -2.09 18.91
N ASP A 67 1.64 -1.33 17.87
CA ASP A 67 1.81 0.11 17.95
C ASP A 67 0.83 0.70 18.95
N PHE A 68 -0.39 0.17 19.00
CA PHE A 68 -1.36 0.63 19.99
C PHE A 68 -0.88 0.33 21.40
N ARG A 69 -0.36 -0.88 21.63
CA ARG A 69 0.14 -1.23 22.96
C ARG A 69 1.25 -0.28 23.39
N TYR A 70 2.16 0.07 22.47
CA TYR A 70 3.26 0.95 22.81
C TYR A 70 2.77 2.36 23.12
N ARG A 71 1.86 2.89 22.30
CA ARG A 71 1.38 4.24 22.51
C ARG A 71 0.54 4.35 23.78
N SER A 72 -0.24 3.32 24.08
CA SER A 72 -1.04 3.28 25.30
C SER A 72 -0.84 1.93 25.96
N PRO A 73 -0.04 1.85 27.03
CA PRO A 73 0.18 0.56 27.69
C PRO A 73 -1.03 0.03 28.42
N HIS A 74 -1.97 0.89 28.79
CA HIS A 74 -3.12 0.44 29.58
C HIS A 74 -4.38 0.17 28.76
N SER A 75 -4.64 0.97 27.74
CA SER A 75 -5.86 0.83 26.96
C SER A 75 -5.60 0.55 25.48
N GLY A 76 -4.35 0.39 25.09
CA GLY A 76 -4.03 0.16 23.69
C GLY A 76 -4.75 -1.01 23.06
N ASP A 77 -4.73 -2.16 23.72
CA ASP A 77 -5.37 -3.35 23.19
C ASP A 77 -6.84 -3.08 22.91
N GLU A 78 -7.55 -2.62 23.92
CA GLU A 78 -8.97 -2.33 23.76
C GLU A 78 -9.16 -1.35 22.62
N LEU A 79 -8.39 -0.28 22.63
CA LEU A 79 -8.52 0.74 21.58
C LEU A 79 -8.46 0.13 20.20
N TYR A 80 -7.46 -0.73 19.95
CA TYR A 80 -7.31 -1.35 18.64
C TYR A 80 -8.51 -2.23 18.30
N GLU A 81 -8.91 -3.10 19.22
CA GLU A 81 -10.04 -3.99 18.95
C GLU A 81 -11.32 -3.19 18.75
N LEU A 82 -11.51 -2.13 19.52
CA LEU A 82 -12.63 -1.24 19.29
C LEU A 82 -12.58 -0.65 17.89
N LEU A 83 -11.39 -0.25 17.44
CA LEU A 83 -11.25 0.26 16.08
C LEU A 83 -11.64 -0.80 15.05
N GLN A 84 -11.27 -2.06 15.31
CA GLN A 84 -11.60 -3.13 14.38
C GLN A 84 -13.10 -3.42 14.37
N HIS A 85 -13.75 -3.33 15.53
CA HIS A 85 -15.19 -3.49 15.57
C HIS A 85 -15.90 -2.39 14.80
N ILE A 86 -15.30 -1.19 14.73
CA ILE A 86 -15.87 -0.12 13.93
C ILE A 86 -15.68 -0.40 12.44
N LEU A 87 -14.55 -1.03 12.08
CA LEU A 87 -14.30 -1.33 10.68
C LEU A 87 -15.20 -2.47 10.19
N LYS A 88 -15.54 -3.41 11.07
CA LYS A 88 -16.41 -4.50 10.66
C LYS A 88 -17.84 -4.05 10.46
N GLN A 89 -18.22 -2.87 10.98
CA GLN A 89 -19.61 -2.43 10.89
C GLN A 89 -20.02 -2.12 9.46
N ARG A 90 -19.15 -1.45 8.70
CA ARG A 90 -19.45 -1.13 7.32
C ARG A 90 -18.15 -0.83 6.59
N PRO A 91 -17.97 -1.33 5.36
CA PRO A 91 -16.75 -1.07 4.58
C PRO A 91 -16.68 0.36 4.06
N SER A 96 -11.64 1.63 -0.21
CA SER A 96 -10.26 1.16 -0.24
C SER A 96 -9.27 2.31 -0.12
N THR A 97 -8.73 2.50 1.08
CA THR A 97 -7.77 3.56 1.31
C THR A 97 -6.50 3.30 0.52
N SER A 98 -6.05 4.32 -0.21
CA SER A 98 -4.86 4.22 -1.04
C SER A 98 -3.90 5.37 -0.71
N ILE A 99 -2.66 5.20 -1.10
CA ILE A 99 -1.62 6.19 -0.87
C ILE A 99 -1.52 7.05 -2.13
N ARG A 100 -2.04 8.28 -2.06
CA ARG A 100 -1.97 9.23 -3.16
C ARG A 100 -0.58 9.85 -3.18
N LEU A 101 0.35 9.12 -3.76
CA LEU A 101 1.73 9.58 -3.83
C LEU A 101 1.85 10.72 -4.83
N PRO A 102 2.57 11.79 -4.50
CA PRO A 102 2.79 12.87 -5.46
C PRO A 102 3.66 12.40 -6.62
N ALA A 103 3.74 13.25 -7.65
CA ALA A 103 4.45 12.88 -8.87
C ALA A 103 5.95 12.71 -8.65
N HIS A 104 6.53 13.47 -7.72
CA HIS A 104 7.95 13.35 -7.44
C HIS A 104 8.28 12.18 -6.52
N LEU A 105 7.29 11.57 -5.88
CA LEU A 105 7.50 10.42 -5.01
C LEU A 105 6.94 9.13 -5.62
N ARG A 106 6.86 9.08 -6.96
CA ARG A 106 6.38 7.89 -7.65
C ARG A 106 7.50 6.91 -7.97
N LEU A 107 8.75 7.35 -7.97
CA LEU A 107 9.86 6.42 -8.05
C LEU A 107 9.84 5.50 -6.83
N GLN A 108 10.24 4.25 -7.04
CA GLN A 108 10.27 3.30 -5.94
C GLN A 108 11.27 3.77 -4.87
N PRO A 109 11.01 3.46 -3.59
CA PRO A 109 11.93 3.91 -2.55
C PRO A 109 13.36 3.41 -2.75
N ILE A 110 13.54 2.28 -3.42
CA ILE A 110 14.88 1.77 -3.69
C ILE A 110 15.72 2.78 -4.45
N TYR A 111 15.08 3.73 -5.15
CA TYR A 111 15.78 4.74 -5.92
C TYR A 111 15.61 6.15 -5.34
N TRP A 112 15.03 6.26 -4.15
CA TRP A 112 14.88 7.57 -3.53
C TRP A 112 16.25 8.16 -3.19
N SER A 113 16.36 9.49 -3.30
CA SER A 113 17.55 10.21 -2.90
C SER A 113 17.39 10.73 -1.48
N ARG A 114 18.39 11.46 -1.00
CA ARG A 114 18.28 12.07 0.32
C ARG A 114 17.20 13.15 0.32
N ASP A 115 17.10 13.91 -0.77
CA ASP A 115 16.09 14.95 -0.87
C ASP A 115 14.71 14.37 -1.16
N ASP A 116 14.65 13.21 -1.82
CA ASP A 116 13.36 12.53 -2.00
C ASP A 116 12.79 12.09 -0.66
N VAL A 117 13.64 11.50 0.19
CA VAL A 117 13.21 11.10 1.53
C VAL A 117 12.67 12.30 2.29
N ALA A 118 13.35 13.45 2.18
CA ALA A 118 12.92 14.65 2.89
C ALA A 118 11.57 15.14 2.39
N GLN A 119 11.36 15.15 1.07
CA GLN A 119 10.05 15.50 0.53
C GLN A 119 9.00 14.46 0.92
N TRP A 120 9.38 13.18 0.97
CA TRP A 120 8.47 12.15 1.43
C TRP A 120 8.01 12.43 2.86
N LEU A 121 8.90 12.93 3.71
CA LEU A 121 8.53 13.26 5.08
C LEU A 121 7.60 14.47 5.12
N LYS A 122 7.93 15.53 4.37
CA LYS A 122 7.08 16.70 4.31
C LYS A 122 5.70 16.36 3.78
N TRP A 123 5.63 15.52 2.75
CA TRP A 123 4.33 15.10 2.23
C TRP A 123 3.56 14.28 3.25
N ALA A 124 4.26 13.39 3.97
CA ALA A 124 3.59 12.54 4.95
C ALA A 124 3.02 13.36 6.10
N GLU A 125 3.69 14.44 6.49
CA GLU A 125 3.28 15.20 7.66
C GLU A 125 1.89 15.82 7.46
N ASN A 126 1.66 16.46 6.31
CA ASN A 126 0.35 17.04 6.03
C ASN A 126 -0.68 15.99 5.66
N GLU A 127 -0.26 14.92 4.98
CA GLU A 127 -1.20 13.90 4.53
C GLU A 127 -1.81 13.14 5.70
N PHE A 128 -1.05 12.92 6.78
CA PHE A 128 -1.54 12.17 7.93
C PHE A 128 -1.68 13.02 9.17
N SER A 129 -1.57 14.35 9.05
CA SER A 129 -1.76 15.29 10.17
C SER A 129 -0.84 14.92 11.33
N LEU A 130 0.42 14.67 11.02
CA LEU A 130 1.41 14.28 12.02
C LEU A 130 2.07 15.51 12.62
N SER A 131 2.76 15.31 13.74
CA SER A 131 3.56 16.37 14.32
C SER A 131 4.74 16.68 13.39
N PRO A 132 5.30 17.89 13.49
CA PRO A 132 6.41 18.26 12.60
C PRO A 132 7.55 17.26 12.65
N ILE A 133 7.98 16.81 11.47
CA ILE A 133 9.08 15.87 11.33
C ILE A 133 10.29 16.66 10.86
N ASP A 134 11.30 16.75 11.72
CA ASP A 134 12.52 17.47 11.33
C ASP A 134 13.17 16.77 10.15
N SER A 135 13.61 17.56 9.17
CA SER A 135 14.28 16.98 8.00
C SER A 135 15.48 16.13 8.40
N ASN A 136 16.14 16.48 9.50
CA ASN A 136 17.32 15.73 9.93
C ASN A 136 16.99 14.35 10.49
N THR A 137 15.72 13.91 10.50
CA THR A 137 15.40 12.64 11.11
C THR A 137 15.95 11.46 10.31
N PHE A 138 16.02 11.59 8.98
CA PHE A 138 16.46 10.50 8.11
C PHE A 138 17.42 11.07 7.06
N GLU A 139 18.61 11.43 7.51
CA GLU A 139 19.66 11.96 6.62
C GLU A 139 20.26 10.79 5.84
N MET A 140 19.53 10.36 4.82
CA MET A 140 19.90 9.16 4.09
C MET A 140 19.04 9.04 2.84
N ASN A 141 19.48 8.21 1.90
CA ASN A 141 18.77 7.95 0.67
C ASN A 141 17.82 6.76 0.87
N GLY A 142 17.02 6.45 -0.14
CA GLY A 142 16.02 5.40 0.02
C GLY A 142 16.64 4.03 0.26
N LYS A 143 17.87 3.83 -0.17
CA LYS A 143 18.50 2.51 -0.04
C LYS A 143 18.81 2.19 1.41
N ALA A 144 19.20 3.20 2.19
CA ALA A 144 19.43 2.98 3.62
C ALA A 144 18.14 2.85 4.39
N LEU A 145 17.07 3.50 3.91
CA LEU A 145 15.81 3.48 4.63
C LEU A 145 15.22 2.07 4.70
N LEU A 146 15.43 1.26 3.65
CA LEU A 146 14.87 -0.09 3.62
C LEU A 146 15.56 -1.03 4.60
N LEU A 147 16.73 -0.66 5.12
CA LEU A 147 17.42 -1.46 6.12
C LEU A 147 17.05 -1.09 7.55
N LEU A 148 16.56 0.14 7.77
CA LEU A 148 16.13 0.52 9.11
C LEU A 148 14.96 -0.33 9.55
N THR A 149 15.01 -0.79 10.80
CA THR A 149 13.91 -1.54 11.37
C THR A 149 12.85 -0.59 11.90
N LYS A 150 11.71 -1.16 12.31
CA LYS A 150 10.64 -0.35 12.86
C LYS A 150 11.07 0.34 14.15
N GLU A 151 11.92 -0.32 14.94
CA GLU A 151 12.38 0.30 16.18
C GLU A 151 13.28 1.50 15.91
N ASP A 152 14.05 1.46 14.82
CA ASP A 152 14.84 2.63 14.43
C ASP A 152 13.93 3.80 14.07
N PHE A 153 12.83 3.51 13.36
CA PHE A 153 11.84 4.55 13.08
C PHE A 153 11.28 5.13 14.37
N ARG A 154 10.98 4.29 15.34
N ARG A 154 10.97 4.29 15.34
CA ARG A 154 10.42 4.78 16.59
CA ARG A 154 10.42 4.78 16.59
C ARG A 154 11.42 5.69 17.31
C ARG A 154 11.42 5.69 17.30
N TYR A 155 12.68 5.26 17.36
CA TYR A 155 13.69 6.06 18.04
C TYR A 155 13.80 7.44 17.40
N ARG A 156 13.92 7.48 16.07
CA ARG A 156 14.17 8.74 15.37
C ARG A 156 12.98 9.66 15.41
N SER A 157 11.76 9.12 15.35
CA SER A 157 10.54 9.91 15.42
C SER A 157 9.57 9.26 16.39
N PRO A 158 9.68 9.56 17.69
CA PRO A 158 8.74 8.98 18.66
C PRO A 158 7.29 9.34 18.39
N HIS A 159 7.02 10.47 17.73
CA HIS A 159 5.64 10.88 17.49
C HIS A 159 5.03 10.22 16.27
N SER A 160 5.84 9.87 15.27
CA SER A 160 5.30 9.40 14.00
C SER A 160 6.09 8.26 13.38
N GLY A 161 7.11 7.73 14.07
CA GLY A 161 7.99 6.75 13.45
C GLY A 161 7.29 5.48 13.03
N ASP A 162 6.30 5.05 13.81
CA ASP A 162 5.58 3.83 13.46
C ASP A 162 4.66 4.05 12.25
N VAL A 163 4.03 5.22 12.18
CA VAL A 163 3.26 5.56 10.98
C VAL A 163 4.17 5.57 9.75
N LEU A 164 5.31 6.26 9.86
CA LEU A 164 6.23 6.39 8.73
C LEU A 164 6.71 5.03 8.25
N TYR A 165 7.04 4.12 9.17
CA TYR A 165 7.47 2.79 8.77
C TYR A 165 6.36 2.05 8.03
N GLU A 166 5.16 2.01 8.62
CA GLU A 166 4.05 1.31 7.97
C GLU A 166 3.67 1.99 6.65
N LEU A 167 3.79 3.30 6.58
CA LEU A 167 3.60 4.00 5.30
C LEU A 167 4.59 3.50 4.27
N LEU A 168 5.85 3.31 4.66
CA LEU A 168 6.85 2.83 3.72
C LEU A 168 6.51 1.43 3.23
N GLN A 169 6.00 0.57 4.13
CA GLN A 169 5.68 -0.80 3.75
C GLN A 169 4.54 -0.85 2.73
N HIS A 170 3.57 0.07 2.86
CA HIS A 170 2.47 0.09 1.90
C HIS A 170 2.92 0.62 0.54
N ILE A 171 3.87 1.57 0.53
CA ILE A 171 4.44 2.02 -0.73
C ILE A 171 5.17 0.88 -1.42
N LEU A 172 5.89 0.06 -0.64
CA LEU A 172 6.62 -1.06 -1.20
C LEU A 172 5.69 -2.16 -1.68
N GLY A 173 4.49 -2.24 -1.11
CA GLY A 173 3.56 -3.30 -1.47
C GLY A 173 2.68 -2.94 -2.65
N GLY A 174 2.41 -1.65 -2.84
CA GLY A 174 1.63 -1.23 -3.98
C GLY A 174 2.36 -1.32 -5.30
N GLU A 175 3.69 -1.42 -5.25
CA GLU A 175 4.47 -1.61 -6.47
C GLU A 175 4.26 -3.01 -7.04
N LEU A 176 4.23 -4.02 -6.17
CA LEU A 176 3.97 -5.38 -6.64
C LEU A 176 2.54 -5.51 -7.15
N GLN A 177 1.57 -4.90 -6.47
CA GLN A 177 0.20 -4.95 -6.94
C GLN A 177 0.02 -4.15 -8.22
N ARG A 178 0.77 -3.06 -8.38
CA ARG A 178 0.80 -2.35 -9.65
C ARG A 178 1.28 -3.27 -10.76
N LYS A 179 2.27 -4.11 -10.48
CA LYS A 179 2.81 -5.02 -11.50
C LYS A 179 1.82 -6.12 -11.82
N ILE A 180 1.11 -6.65 -10.81
CA ILE A 180 0.12 -7.69 -11.04
C ILE A 180 -0.98 -7.18 -11.96
N MET A 181 -1.38 -5.92 -11.78
CA MET A 181 -2.46 -5.35 -12.58
C MET A 181 -2.02 -5.13 -14.02
N GLU A 182 -0.77 -4.70 -14.22
CA GLU A 182 -0.27 -4.55 -15.58
C GLU A 182 -0.27 -5.88 -16.33
N VAL A 183 -0.10 -6.98 -15.58
CA VAL A 183 -0.07 -8.31 -16.20
C VAL A 183 -1.48 -8.75 -16.56
N GLU A 184 -2.38 -8.78 -15.58
CA GLU A 184 -3.73 -9.29 -15.84
C GLU A 184 -4.45 -8.48 -16.89
N LEU A 185 -4.30 -7.15 -16.86
CA LEU A 185 -5.00 -6.30 -17.80
C LEU A 185 -4.30 -6.21 -19.15
N SER A 186 -3.21 -6.94 -19.35
CA SER A 186 -2.53 -6.95 -20.63
C SER A 186 -3.19 -7.91 -21.62
N VAL A 187 -3.90 -8.91 -21.14
CA VAL A 187 -4.63 -9.85 -22.00
C VAL A 187 -5.92 -10.22 -21.29
N HIS A 188 -6.97 -10.43 -22.07
CA HIS A 188 -8.25 -10.80 -21.49
C HIS A 188 -8.30 -12.29 -21.23
N GLY A 189 -9.04 -12.68 -20.20
CA GLY A 189 -9.18 -14.06 -19.81
C GLY A 189 -8.30 -14.49 -18.64
N VAL A 190 -7.36 -13.65 -18.23
CA VAL A 190 -6.44 -14.00 -17.16
C VAL A 190 -7.01 -13.50 -15.83
N THR A 191 -7.10 -14.40 -14.86
CA THR A 191 -7.57 -14.02 -13.53
C THR A 191 -6.47 -13.30 -12.77
N HIS A 192 -6.87 -12.61 -11.70
CA HIS A 192 -5.91 -11.86 -10.90
C HIS A 192 -4.87 -12.79 -10.28
N GLN A 193 -5.29 -14.00 -9.87
CA GLN A 193 -4.35 -14.95 -9.30
C GLN A 193 -3.39 -15.48 -10.36
N GLU A 194 -3.90 -15.81 -11.55
CA GLU A 194 -3.04 -16.33 -12.61
C GLU A 194 -2.00 -15.30 -13.01
N ALA A 195 -2.35 -14.02 -12.98
CA ALA A 195 -1.37 -12.98 -13.29
C ALA A 195 -0.26 -12.95 -12.25
N GLN A 196 -0.65 -12.97 -10.97
CA GLN A 196 0.34 -13.02 -9.90
C GLN A 196 1.19 -14.28 -10.00
N THR A 197 0.57 -15.40 -10.37
CA THR A 197 1.31 -16.64 -10.59
C THR A 197 2.28 -16.49 -11.74
N ALA A 198 1.83 -15.89 -12.84
CA ALA A 198 2.70 -15.70 -14.00
C ALA A 198 3.81 -14.69 -13.72
N LEU A 199 3.55 -13.70 -12.86
CA LEU A 199 4.56 -12.71 -12.53
C LEU A 199 5.66 -13.31 -11.67
N GLY A 200 5.30 -14.16 -10.71
CA GLY A 200 6.29 -14.80 -9.88
C GLY A 200 7.15 -15.80 -10.61
N ALA A 201 6.63 -16.38 -11.69
CA ALA A 201 7.41 -17.33 -12.49
C ALA A 201 8.53 -16.62 -13.24
N THR A 202 8.35 -15.34 -13.60
CA THR A 202 9.39 -14.55 -14.23
C THR A 202 10.23 -13.77 -13.22
N GLY A 203 10.09 -14.07 -11.93
CA GLY A 203 10.84 -13.35 -10.92
C GLY A 203 10.48 -11.89 -10.77
N GLY A 204 9.29 -11.49 -11.22
CA GLY A 204 8.87 -10.11 -11.17
C GLY A 204 8.92 -9.36 -12.48
N ASP A 205 9.41 -9.98 -13.55
CA ASP A 205 9.47 -9.31 -14.85
C ASP A 205 8.07 -9.24 -15.45
N VAL A 206 7.52 -8.03 -15.50
CA VAL A 206 6.19 -7.83 -16.06
C VAL A 206 6.19 -8.11 -17.55
N VAL A 207 7.22 -7.63 -18.26
CA VAL A 207 7.27 -7.78 -19.71
C VAL A 207 7.34 -9.25 -20.09
N SER A 208 8.13 -10.04 -19.36
CA SER A 208 8.25 -11.46 -19.67
C SER A 208 6.98 -12.22 -19.31
N ALA A 209 6.34 -11.87 -18.19
CA ALA A 209 5.09 -12.52 -17.81
C ALA A 209 4.00 -12.26 -18.84
N ILE A 210 3.88 -11.01 -19.30
CA ILE A 210 2.91 -10.68 -20.34
C ILE A 210 3.20 -11.47 -21.61
N ARG A 211 4.46 -11.45 -22.05
CA ARG A 211 4.83 -12.17 -23.26
C ARG A 211 4.48 -13.66 -23.17
N ASN A 212 4.68 -14.26 -22.00
CA ASN A 212 4.35 -15.67 -21.83
C ASN A 212 2.85 -15.91 -21.95
N LEU A 213 2.03 -15.00 -21.41
CA LEU A 213 0.59 -15.17 -21.49
C LEU A 213 0.09 -15.03 -22.92
N LYS A 214 0.64 -14.06 -23.67
CA LYS A 214 0.20 -13.85 -25.04
C LYS A 214 0.61 -15.02 -25.93
N VAL A 215 1.79 -15.60 -25.68
CA VAL A 215 2.23 -16.76 -26.47
C VAL A 215 1.33 -17.96 -26.18
N ASP A 216 0.89 -18.13 -24.93
CA ASP A 216 0.05 -19.27 -24.60
C ASP A 216 -1.33 -19.17 -25.26
N GLN A 217 -1.92 -17.98 -25.26
CA GLN A 217 -3.22 -17.80 -25.88
C GLN A 217 -3.15 -17.97 -27.39
N LEU A 218 -2.10 -17.45 -28.03
CA LEU A 218 -1.96 -17.61 -29.47
C LEU A 218 -1.58 -19.03 -29.83
N PHE A 219 -0.82 -19.71 -28.97
CA PHE A 219 -0.50 -21.12 -29.19
C PHE A 219 -1.76 -21.98 -29.14
N HIS A 220 -2.72 -21.61 -28.28
CA HIS A 220 -3.95 -22.40 -28.18
C HIS A 220 -4.79 -22.30 -29.45
N LEU A 221 -4.67 -21.20 -30.19
CA LEU A 221 -5.47 -20.99 -31.39
C LEU A 221 -4.79 -21.51 -32.66
N SER A 222 -3.50 -21.82 -32.61
CA SER A 222 -2.78 -22.33 -33.78
C SER A 222 -2.50 -23.82 -33.61
N SER A 223 -2.43 -24.52 -34.74
CA SER A 223 -1.98 -25.90 -34.77
C SER A 223 -0.47 -25.99 -34.92
N ARG A 224 0.24 -24.88 -34.80
CA ARG A 224 1.69 -24.85 -34.98
C ARG A 224 2.39 -24.79 -33.62
N SER A 225 3.71 -24.81 -33.65
CA SER A 225 4.51 -24.90 -32.43
C SER A 225 4.40 -23.63 -31.60
N ARG A 226 4.87 -23.73 -30.36
CA ARG A 226 4.92 -22.56 -29.50
C ARG A 226 6.00 -21.59 -29.94
N ALA A 227 7.14 -22.12 -30.42
CA ALA A 227 8.18 -21.25 -30.95
C ALA A 227 7.69 -20.49 -32.16
N ASP A 228 6.85 -21.12 -33.00
CA ASP A 228 6.23 -20.42 -34.11
C ASP A 228 5.30 -19.33 -33.60
N ALA A 229 4.60 -19.59 -32.48
CA ALA A 229 3.77 -18.58 -31.86
C ALA A 229 4.61 -17.47 -31.22
N TRP A 230 5.86 -17.75 -30.87
CA TRP A 230 6.72 -16.72 -30.30
C TRP A 230 7.19 -15.75 -31.37
N ARG A 231 7.46 -16.26 -32.58
CA ARG A 231 7.96 -15.40 -33.65
C ARG A 231 6.86 -14.59 -34.31
N ILE A 232 5.65 -15.14 -34.42
CA ILE A 232 4.55 -14.38 -35.01
C ILE A 232 4.23 -13.16 -34.15
N LEU A 233 4.17 -13.35 -32.83
CA LEU A 233 3.90 -12.24 -31.93
C LEU A 233 5.02 -11.21 -31.99
N GLU A 234 6.27 -11.67 -31.98
CA GLU A 234 7.40 -10.75 -32.05
C GLU A 234 7.37 -9.93 -33.34
N HIS A 235 6.99 -10.56 -34.44
CA HIS A 235 6.84 -9.82 -35.69
C HIS A 235 5.70 -8.80 -35.57
N TYR A 236 4.52 -9.25 -35.16
CA TYR A 236 3.37 -8.35 -34.99
C TYR A 236 3.51 -7.44 -33.78
N GLN A 237 4.69 -7.42 -33.16
CA GLN A 237 5.03 -6.49 -32.10
C GLN A 237 4.12 -6.66 -30.88
N TRP A 238 3.72 -7.90 -30.63
CA TRP A 238 2.89 -8.21 -29.45
C TRP A 238 1.46 -7.71 -29.55
N ASP A 239 0.93 -7.59 -30.77
CA ASP A 239 -0.48 -7.28 -30.97
C ASP A 239 -1.21 -8.60 -31.11
N LEU A 240 -1.62 -9.17 -29.97
CA LEU A 240 -2.26 -10.49 -29.97
C LEU A 240 -3.42 -10.54 -30.95
N SER A 241 -4.25 -9.49 -30.98
CA SER A 241 -5.36 -9.45 -31.92
C SER A 241 -4.85 -9.52 -33.36
N ALA A 242 -3.76 -8.80 -33.66
CA ALA A 242 -3.20 -8.84 -35.00
C ALA A 242 -2.65 -10.22 -35.28
N ALA A 243 -1.94 -10.79 -34.33
CA ALA A 243 -1.35 -12.11 -34.54
C ALA A 243 -2.40 -13.20 -34.53
N SER A 244 -3.52 -12.98 -33.84
CA SER A 244 -4.62 -13.94 -33.90
C SER A 244 -5.28 -13.94 -35.27
N ARG A 245 -5.36 -12.77 -35.91
CA ARG A 245 -5.99 -12.69 -37.22
C ARG A 245 -5.19 -13.46 -38.27
N TYR A 246 -3.86 -13.45 -38.17
CA TYR A 246 -3.06 -14.23 -39.11
C TYR A 246 -3.25 -15.72 -38.86
N VAL A 247 -3.18 -16.13 -37.61
CA VAL A 247 -3.33 -17.54 -37.29
C VAL A 247 -4.70 -18.05 -37.70
N LEU A 248 -5.73 -17.27 -37.41
CA LEU A 248 -7.09 -17.70 -37.71
C LEU A 248 -7.31 -17.88 -39.21
N ALA A 249 -6.62 -17.09 -40.03
CA ALA A 249 -6.75 -17.22 -41.48
C ALA A 249 -5.90 -18.36 -42.04
N ARG A 250 -4.85 -18.78 -41.34
CA ARG A 250 -4.04 -19.87 -41.81
C ARG A 250 -4.80 -21.19 -41.68
N PRO A 251 -4.68 -22.09 -42.66
CA PRO A 251 -5.39 -23.39 -42.63
C PRO A 251 -4.71 -24.44 -41.75
C FMT B . -2.79 -3.00 10.84
O1 FMT B . -2.73 -2.77 9.65
O2 FMT B . -3.94 -3.44 11.35
H FMT B . -1.96 -2.83 11.50
HO2 FMT B . -4.01 -3.58 12.30
#